data_1TQ1
#
_entry.id   1TQ1
#
_entity_poly.entity_id   1
_entity_poly.type   'polypeptide(L)'
_entity_poly.pdbx_seq_one_letter_code
;MGHHHHHHLEAEESRVPSSVSVTVAHDLLLAGHRYLDVRTPEEFSQGHACGAINVPYMNRGASGMSKNTDFLEQVSSHFG
QSDNIIVGCQSGGRSIKATTDLLHAGFTGVKDIVGGYSAWAKNGLPTKA
;
_entity_poly.pdbx_strand_id   A
#
# COMPACT_ATOMS: atom_id res chain seq x y z
N ALA A 11 -12.13 -15.16 -16.66
CA ALA A 11 -11.84 -13.71 -16.61
C ALA A 11 -11.65 -13.29 -15.17
N GLU A 12 -10.52 -13.58 -14.63
CA GLU A 12 -10.22 -13.19 -13.24
C GLU A 12 -9.26 -12.02 -13.24
N GLU A 13 -9.39 -11.14 -12.30
CA GLU A 13 -8.51 -9.95 -12.25
C GLU A 13 -8.27 -9.55 -10.80
N SER A 14 -8.40 -10.47 -9.92
CA SER A 14 -8.21 -10.20 -8.46
C SER A 14 -6.72 -10.26 -8.16
N ARG A 15 -5.93 -10.52 -9.17
CA ARG A 15 -4.45 -10.60 -8.99
C ARG A 15 -3.75 -9.93 -10.15
N VAL A 16 -3.33 -8.72 -9.97
CA VAL A 16 -2.65 -7.99 -11.07
C VAL A 16 -1.59 -7.06 -10.47
N PRO A 17 -0.36 -7.46 -10.51
CA PRO A 17 0.75 -6.62 -10.02
C PRO A 17 1.28 -5.70 -11.10
N SER A 18 1.29 -4.43 -10.81
CA SER A 18 1.77 -3.43 -11.80
C SER A 18 2.64 -2.39 -11.10
N SER A 19 3.55 -1.82 -11.80
CA SER A 19 4.43 -0.77 -11.21
C SER A 19 4.19 0.56 -11.89
N VAL A 20 4.27 1.60 -11.14
CA VAL A 20 4.02 2.94 -11.73
C VAL A 20 4.67 4.00 -10.83
N SER A 21 4.54 5.24 -11.18
CA SER A 21 5.15 6.33 -10.34
C SER A 21 4.05 7.19 -9.76
N VAL A 22 4.28 7.71 -8.62
CA VAL A 22 3.27 8.56 -7.96
C VAL A 22 2.74 9.56 -8.97
N THR A 23 3.48 9.81 -9.99
CA THR A 23 3.02 10.78 -11.04
C THR A 23 1.77 10.22 -11.73
N VAL A 24 1.84 9.03 -12.26
CA VAL A 24 0.64 8.46 -12.94
C VAL A 24 -0.40 8.09 -11.90
N ALA A 25 0.03 7.56 -10.82
CA ALA A 25 -0.94 7.18 -9.74
C ALA A 25 -1.69 8.44 -9.32
N HIS A 26 -1.05 9.56 -9.33
CA HIS A 26 -1.72 10.83 -8.93
C HIS A 26 -2.99 10.96 -9.76
N ASP A 27 -2.90 10.75 -11.04
CA ASP A 27 -4.13 10.81 -11.92
C ASP A 27 -5.18 9.87 -11.36
N LEU A 28 -4.77 8.70 -10.98
CA LEU A 28 -5.72 7.69 -10.43
C LEU A 28 -6.18 8.15 -9.05
N LEU A 29 -5.29 8.74 -8.30
CA LEU A 29 -5.64 9.26 -6.94
C LEU A 29 -6.81 10.26 -7.11
N LEU A 30 -6.77 11.06 -8.14
CA LEU A 30 -7.89 12.04 -8.39
C LEU A 30 -9.17 11.22 -8.65
N ALA A 31 -9.04 10.02 -9.11
CA ALA A 31 -10.24 9.17 -9.37
C ALA A 31 -10.90 8.86 -8.02
N GLY A 32 -10.14 8.95 -6.97
CA GLY A 32 -10.70 8.67 -5.61
C GLY A 32 -10.55 7.19 -5.28
N HIS A 33 -9.38 6.66 -5.47
CA HIS A 33 -9.16 5.22 -5.15
C HIS A 33 -8.30 5.10 -3.89
N ARG A 34 -8.50 4.06 -3.15
CA ARG A 34 -7.72 3.83 -1.89
C ARG A 34 -6.24 3.80 -2.19
N TYR A 35 -5.47 4.50 -1.42
CA TYR A 35 -4.00 4.56 -1.64
C TYR A 35 -3.28 3.86 -0.48
N LEU A 36 -2.64 2.76 -0.74
CA LEU A 36 -1.91 2.04 0.34
C LEU A 36 -0.42 2.40 0.26
N ASP A 37 0.15 2.77 1.36
CA ASP A 37 1.58 3.18 1.38
C ASP A 37 2.21 2.57 2.64
N VAL A 38 3.42 2.15 2.54
CA VAL A 38 4.10 1.57 3.73
C VAL A 38 5.47 2.22 3.84
N ARG A 39 5.56 3.23 4.65
CA ARG A 39 6.85 3.94 4.87
C ARG A 39 7.56 3.25 6.03
N THR A 40 6.84 2.98 7.07
CA THR A 40 7.48 2.32 8.24
C THR A 40 6.46 2.15 9.38
N PRO A 41 6.52 1.06 10.08
CA PRO A 41 5.58 0.79 11.18
C PRO A 41 5.30 2.03 11.99
N GLU A 42 6.31 2.81 12.23
CA GLU A 42 6.13 4.06 13.01
C GLU A 42 5.16 4.97 12.25
N GLU A 43 5.13 4.88 10.95
CA GLU A 43 4.18 5.73 10.16
C GLU A 43 2.75 5.50 10.66
N PHE A 44 2.48 4.32 11.12
CA PHE A 44 1.13 3.98 11.67
C PHE A 44 0.92 4.75 12.97
N SER A 45 1.91 4.77 13.80
CA SER A 45 1.80 5.50 15.10
C SER A 45 1.43 6.96 14.82
N GLN A 46 1.85 7.46 13.70
CA GLN A 46 1.51 8.88 13.35
C GLN A 46 0.02 8.97 13.05
N GLY A 47 -0.52 7.96 12.44
CA GLY A 47 -1.99 7.93 12.12
C GLY A 47 -2.22 7.78 10.63
N HIS A 48 -3.27 8.34 10.15
CA HIS A 48 -3.59 8.25 8.70
C HIS A 48 -3.17 9.55 8.01
N ALA A 49 -3.72 9.77 6.86
CA ALA A 49 -3.37 10.99 6.08
C ALA A 49 -4.61 11.50 5.35
N CYS A 50 -4.53 12.69 4.85
CA CYS A 50 -5.66 13.31 4.13
C CYS A 50 -5.62 12.83 2.69
N GLY A 51 -6.52 11.95 2.37
CA GLY A 51 -6.61 11.41 0.98
C GLY A 51 -5.47 10.42 0.76
N ALA A 52 -5.01 9.82 1.80
CA ALA A 52 -3.89 8.85 1.64
C ALA A 52 -3.90 7.87 2.81
N ILE A 53 -3.99 6.61 2.49
CA ILE A 53 -3.98 5.60 3.57
C ILE A 53 -2.62 4.89 3.62
N ASN A 54 -1.84 5.24 4.58
CA ASN A 54 -0.47 4.64 4.70
C ASN A 54 -0.43 3.69 5.86
N VAL A 55 -0.19 2.47 5.61
CA VAL A 55 -0.14 1.49 6.69
C VAL A 55 0.99 0.49 6.41
N PRO A 56 1.38 -0.22 7.44
CA PRO A 56 2.47 -1.22 7.34
C PRO A 56 1.95 -2.55 6.83
N TYR A 57 1.57 -2.56 5.59
CA TYR A 57 1.06 -3.81 4.96
C TYR A 57 -0.08 -4.38 5.79
N MET A 58 0.27 -5.02 6.85
CA MET A 58 -0.79 -5.61 7.72
C MET A 58 -0.88 -4.85 9.03
N ASN A 59 -2.05 -4.69 9.53
CA ASN A 59 -2.26 -3.96 10.81
C ASN A 59 -3.45 -4.56 11.54
N ARG A 60 -3.30 -4.83 12.80
CA ARG A 60 -4.45 -5.42 13.57
C ARG A 60 -5.44 -4.32 13.90
N GLY A 61 -6.69 -4.59 13.66
CA GLY A 61 -7.74 -3.57 13.95
C GLY A 61 -9.11 -4.16 13.68
N ALA A 62 -10.11 -3.36 13.73
CA ALA A 62 -11.48 -3.85 13.47
C ALA A 62 -11.55 -4.36 12.04
N SER A 63 -10.47 -4.25 11.35
CA SER A 63 -10.43 -4.72 9.94
C SER A 63 -10.67 -6.23 9.96
N GLY A 64 -10.66 -6.81 11.12
CA GLY A 64 -10.87 -8.29 11.24
C GLY A 64 -9.55 -8.97 11.60
N MET A 65 -8.70 -8.26 12.29
CA MET A 65 -7.38 -8.82 12.69
C MET A 65 -6.62 -9.30 11.47
N SER A 66 -5.51 -8.68 11.20
CA SER A 66 -4.68 -9.09 10.03
C SER A 66 -3.27 -8.53 10.23
N LYS A 67 -2.38 -9.33 10.71
CA LYS A 67 -0.99 -8.85 10.94
C LYS A 67 -0.03 -9.82 10.26
N ASN A 68 0.75 -9.31 9.37
CA ASN A 68 1.75 -10.15 8.62
C ASN A 68 2.38 -11.15 9.55
N THR A 69 1.84 -12.31 9.61
CA THR A 69 2.40 -13.34 10.51
C THR A 69 1.95 -14.73 10.04
N ASP A 70 0.71 -14.92 9.78
CA ASP A 70 0.24 -16.27 9.30
C ASP A 70 -1.03 -16.06 8.48
N PHE A 71 -1.76 -15.04 8.78
CA PHE A 71 -3.02 -14.73 8.06
C PHE A 71 -2.75 -14.74 6.56
N LEU A 72 -1.53 -14.52 6.19
CA LEU A 72 -1.18 -14.49 4.74
C LEU A 72 -1.69 -15.77 4.09
N GLU A 73 -1.52 -16.89 4.76
CA GLU A 73 -2.04 -18.17 4.22
C GLU A 73 -3.56 -18.07 4.10
N GLN A 74 -4.21 -17.48 5.06
CA GLN A 74 -5.70 -17.33 4.99
C GLN A 74 -6.03 -16.22 3.99
N VAL A 75 -5.34 -15.13 4.06
CA VAL A 75 -5.63 -14.01 3.10
C VAL A 75 -5.15 -14.42 1.72
N SER A 76 -3.92 -14.81 1.62
CA SER A 76 -3.37 -15.24 0.29
C SER A 76 -4.23 -16.40 -0.22
N SER A 77 -5.01 -16.98 0.64
CA SER A 77 -5.88 -18.13 0.20
C SER A 77 -6.65 -17.73 -1.05
N HIS A 78 -7.09 -16.51 -1.11
CA HIS A 78 -7.85 -16.03 -2.30
C HIS A 78 -8.10 -14.54 -2.16
N PHE A 79 -7.41 -13.91 -1.25
CA PHE A 79 -7.61 -12.44 -1.04
C PHE A 79 -6.26 -11.77 -0.73
N GLY A 80 -6.15 -10.53 -1.08
CA GLY A 80 -4.88 -9.77 -0.81
C GLY A 80 -5.15 -8.62 0.15
N GLN A 81 -4.27 -8.45 1.09
CA GLN A 81 -4.43 -7.34 2.08
C GLN A 81 -4.77 -6.05 1.34
N SER A 82 -4.37 -5.94 0.11
CA SER A 82 -4.69 -4.71 -0.67
C SER A 82 -5.41 -5.15 -1.96
N ASP A 83 -6.01 -6.30 -1.93
CA ASP A 83 -6.75 -6.83 -3.13
C ASP A 83 -7.40 -5.67 -3.86
N ASN A 84 -6.99 -5.42 -5.06
CA ASN A 84 -7.60 -4.30 -5.85
C ASN A 84 -7.33 -2.99 -5.17
N ILE A 85 -6.10 -2.65 -5.00
CA ILE A 85 -5.78 -1.35 -4.36
C ILE A 85 -4.51 -0.79 -4.99
N ILE A 86 -4.15 0.38 -4.60
CA ILE A 86 -2.91 0.99 -5.15
C ILE A 86 -1.86 1.08 -4.06
N VAL A 87 -0.88 0.25 -4.13
CA VAL A 87 0.15 0.19 -3.07
C VAL A 87 1.46 0.78 -3.60
N GLY A 88 2.27 1.26 -2.73
CA GLY A 88 3.58 1.86 -3.14
C GLY A 88 4.52 1.95 -1.95
N CYS A 89 5.76 1.64 -2.16
CA CYS A 89 6.75 1.70 -1.05
C CYS A 89 7.45 3.04 -1.08
N GLN A 90 7.75 3.57 0.07
CA GLN A 90 8.41 4.91 0.16
C GLN A 90 9.53 5.01 -0.85
N SER A 91 10.21 3.92 -1.08
CA SER A 91 11.35 3.92 -2.05
C SER A 91 10.89 3.27 -3.34
N GLY A 92 11.58 3.55 -4.40
CA GLY A 92 11.21 2.96 -5.73
C GLY A 92 12.41 2.22 -6.31
N GLY A 93 12.18 1.46 -7.33
CA GLY A 93 13.28 0.69 -7.98
C GLY A 93 13.80 -0.35 -7.00
N ARG A 94 14.48 0.09 -5.98
CA ARG A 94 15.03 -0.87 -4.97
C ARG A 94 13.87 -1.58 -4.30
N SER A 95 12.79 -0.90 -4.08
CA SER A 95 11.62 -1.54 -3.43
C SER A 95 10.78 -2.24 -4.48
N ILE A 96 10.87 -1.83 -5.70
CA ILE A 96 10.08 -2.47 -6.77
C ILE A 96 10.46 -3.95 -6.84
N LYS A 97 11.73 -4.25 -6.84
CA LYS A 97 12.16 -5.68 -6.86
C LYS A 97 11.84 -6.30 -5.48
N ALA A 98 11.87 -5.53 -4.46
CA ALA A 98 11.55 -6.05 -3.10
C ALA A 98 10.10 -6.51 -3.07
N THR A 99 9.26 -5.78 -3.72
CA THR A 99 7.81 -6.12 -3.77
C THR A 99 7.65 -7.47 -4.47
N THR A 100 8.47 -7.72 -5.44
CA THR A 100 8.42 -9.00 -6.19
C THR A 100 8.60 -10.16 -5.19
N ASP A 101 9.44 -9.99 -4.22
CA ASP A 101 9.65 -11.06 -3.19
C ASP A 101 8.32 -11.29 -2.47
N LEU A 102 7.64 -10.22 -2.14
CA LEU A 102 6.35 -10.35 -1.43
C LEU A 102 5.32 -10.92 -2.40
N LEU A 103 5.41 -10.57 -3.63
CA LEU A 103 4.47 -11.11 -4.65
C LEU A 103 4.53 -12.64 -4.63
N HIS A 104 5.70 -13.19 -4.48
CA HIS A 104 5.84 -14.68 -4.40
C HIS A 104 5.07 -15.17 -3.16
N ALA A 105 5.10 -14.42 -2.12
CA ALA A 105 4.34 -14.81 -0.89
C ALA A 105 2.87 -14.53 -1.12
N GLY A 106 2.57 -13.70 -2.08
CA GLY A 106 1.15 -13.36 -2.38
C GLY A 106 0.92 -11.88 -2.22
N PHE A 107 1.24 -11.11 -3.20
CA PHE A 107 1.05 -9.63 -3.10
C PHE A 107 0.64 -9.09 -4.47
N THR A 108 -0.48 -9.52 -4.98
CA THR A 108 -0.92 -9.02 -6.31
C THR A 108 -2.34 -8.47 -6.21
N GLY A 109 -2.86 -7.98 -7.30
CA GLY A 109 -4.24 -7.39 -7.31
C GLY A 109 -4.16 -5.94 -6.89
N VAL A 110 -2.99 -5.37 -6.96
CA VAL A 110 -2.83 -3.96 -6.54
C VAL A 110 -1.75 -3.29 -7.39
N LYS A 111 -1.72 -2.00 -7.39
CA LYS A 111 -0.68 -1.31 -8.21
C LYS A 111 0.47 -0.90 -7.29
N ASP A 112 1.66 -1.00 -7.80
CA ASP A 112 2.86 -0.65 -6.99
C ASP A 112 3.31 0.75 -7.36
N ILE A 113 3.11 1.69 -6.51
CA ILE A 113 3.51 3.08 -6.80
C ILE A 113 4.87 3.37 -6.17
N VAL A 114 5.58 4.31 -6.70
CA VAL A 114 6.90 4.67 -6.11
C VAL A 114 6.74 5.91 -5.23
N GLY A 115 7.13 5.79 -4.01
CA GLY A 115 7.02 6.94 -3.06
C GLY A 115 5.61 6.98 -2.49
N GLY A 116 5.12 8.16 -2.24
CA GLY A 116 3.75 8.31 -1.68
C GLY A 116 3.76 9.34 -0.56
N TYR A 117 3.98 8.89 0.63
CA TYR A 117 4.03 9.77 1.83
C TYR A 117 4.99 10.93 1.58
N SER A 118 6.10 10.64 0.98
CA SER A 118 7.10 11.71 0.70
C SER A 118 6.45 12.79 -0.14
N ALA A 119 5.73 12.41 -1.14
CA ALA A 119 5.06 13.42 -1.99
C ALA A 119 3.87 14.01 -1.24
N TRP A 120 3.01 13.17 -0.74
CA TRP A 120 1.83 13.67 0.01
C TRP A 120 2.35 14.50 1.17
N ALA A 121 3.44 14.10 1.73
CA ALA A 121 4.04 14.89 2.84
C ALA A 121 4.44 16.27 2.32
N LYS A 122 4.80 16.34 1.07
CA LYS A 122 5.18 17.65 0.47
C LYS A 122 3.99 18.61 0.66
N ASN A 123 2.80 18.11 0.54
CA ASN A 123 1.59 18.98 0.76
C ASN A 123 1.56 19.43 2.21
N GLY A 124 1.40 18.50 3.10
CA GLY A 124 1.36 18.83 4.55
C GLY A 124 -0.10 18.73 5.04
N LEU A 125 -0.85 17.85 4.47
CA LEU A 125 -2.29 17.71 4.90
C LEU A 125 -2.56 16.25 5.28
N PRO A 126 -2.17 15.86 6.45
CA PRO A 126 -2.38 14.47 6.94
C PRO A 126 -3.62 14.32 7.78
N THR A 127 -4.55 13.56 7.32
CA THR A 127 -5.79 13.36 8.09
C THR A 127 -5.64 12.11 8.96
N LYS A 128 -5.97 12.22 10.20
CA LYS A 128 -5.82 11.07 11.12
C LYS A 128 -6.39 11.45 12.48
N ALA A 129 -6.57 10.50 13.32
CA ALA A 129 -7.15 10.78 14.65
C ALA A 129 -6.09 11.42 15.57
N ALA A 11 -10.51 -12.37 -21.17
CA ALA A 11 -9.09 -11.99 -20.96
C ALA A 11 -9.02 -10.63 -20.33
N GLU A 12 -10.04 -10.29 -19.62
CA GLU A 12 -10.07 -8.97 -18.93
C GLU A 12 -9.58 -9.14 -17.50
N GLU A 13 -8.84 -10.18 -17.25
CA GLU A 13 -8.33 -10.42 -15.88
C GLU A 13 -7.61 -9.19 -15.37
N SER A 14 -7.76 -8.90 -14.13
CA SER A 14 -7.09 -7.70 -13.52
C SER A 14 -6.83 -8.02 -12.04
N ARG A 15 -5.74 -8.70 -11.78
CA ARG A 15 -5.40 -9.07 -10.37
C ARG A 15 -3.94 -9.48 -10.29
N VAL A 16 -3.07 -8.58 -10.61
CA VAL A 16 -1.61 -8.91 -10.57
C VAL A 16 -0.84 -7.70 -10.06
N PRO A 17 0.44 -7.83 -9.92
CA PRO A 17 1.29 -6.72 -9.44
C PRO A 17 1.72 -5.83 -10.58
N SER A 18 1.64 -4.55 -10.36
CA SER A 18 2.05 -3.57 -11.42
C SER A 18 2.77 -2.40 -10.78
N SER A 19 3.81 -1.95 -11.41
CA SER A 19 4.60 -0.80 -10.86
C SER A 19 4.18 0.47 -11.56
N VAL A 20 4.15 1.54 -10.84
CA VAL A 20 3.73 2.83 -11.43
C VAL A 20 4.47 3.96 -10.73
N SER A 21 4.24 5.17 -11.14
CA SER A 21 4.95 6.33 -10.51
C SER A 21 3.94 7.26 -9.88
N VAL A 22 4.33 7.94 -8.88
CA VAL A 22 3.41 8.87 -8.20
C VAL A 22 2.72 9.75 -9.25
N THR A 23 3.37 9.96 -10.34
CA THR A 23 2.76 10.80 -11.42
C THR A 23 1.51 10.10 -11.97
N VAL A 24 1.65 8.90 -12.46
CA VAL A 24 0.45 8.20 -12.99
C VAL A 24 -0.57 8.02 -11.89
N ALA A 25 -0.12 7.81 -10.70
CA ALA A 25 -1.06 7.67 -9.56
C ALA A 25 -2.03 8.86 -9.57
N HIS A 26 -1.54 10.01 -9.92
CA HIS A 26 -2.42 11.21 -9.95
C HIS A 26 -3.58 10.91 -10.91
N ASP A 27 -3.29 10.34 -12.04
CA ASP A 27 -4.38 10.00 -13.01
C ASP A 27 -5.35 9.02 -12.33
N LEU A 28 -4.82 8.06 -11.65
CA LEU A 28 -5.67 7.06 -10.96
C LEU A 28 -6.45 7.77 -9.85
N LEU A 29 -5.85 8.75 -9.25
CA LEU A 29 -6.54 9.53 -8.16
C LEU A 29 -7.88 10.02 -8.72
N LEU A 30 -7.91 10.46 -9.95
CA LEU A 30 -9.19 10.93 -10.58
C LEU A 30 -10.14 9.71 -10.66
N ALA A 31 -9.60 8.55 -10.80
CA ALA A 31 -10.47 7.33 -10.87
C ALA A 31 -11.12 7.13 -9.51
N GLY A 32 -10.46 7.57 -8.48
CA GLY A 32 -11.02 7.43 -7.09
C GLY A 32 -10.82 6.01 -6.60
N HIS A 33 -9.65 5.49 -6.75
CA HIS A 33 -9.38 4.09 -6.28
C HIS A 33 -8.75 4.13 -4.89
N ARG A 34 -8.87 3.06 -4.16
CA ARG A 34 -8.31 3.00 -2.78
C ARG A 34 -6.80 3.21 -2.83
N TYR A 35 -6.28 3.86 -1.84
CA TYR A 35 -4.82 4.16 -1.79
C TYR A 35 -4.23 3.60 -0.49
N LEU A 36 -3.41 2.60 -0.57
CA LEU A 36 -2.80 2.00 0.65
C LEU A 36 -1.27 2.09 0.52
N ASP A 37 -0.69 3.04 1.18
CA ASP A 37 0.79 3.24 1.06
C ASP A 37 1.45 2.59 2.27
N VAL A 38 2.69 2.27 2.16
CA VAL A 38 3.40 1.67 3.33
C VAL A 38 4.74 2.38 3.46
N ARG A 39 4.75 3.43 4.21
CA ARG A 39 6.01 4.22 4.40
C ARG A 39 6.81 3.53 5.49
N THR A 40 6.16 3.15 6.55
CA THR A 40 6.90 2.47 7.66
C THR A 40 5.98 2.31 8.88
N PRO A 41 6.36 1.47 9.80
CA PRO A 41 5.56 1.24 11.02
C PRO A 41 5.52 2.47 11.90
N GLU A 42 6.37 3.42 11.61
CA GLU A 42 6.39 4.67 12.40
C GLU A 42 5.15 5.49 12.04
N GLU A 43 4.76 5.49 10.81
CA GLU A 43 3.56 6.29 10.39
C GLU A 43 2.35 5.83 11.19
N PHE A 44 2.36 4.59 11.59
CA PHE A 44 1.23 4.02 12.39
C PHE A 44 1.31 4.56 13.82
N SER A 45 2.49 4.61 14.35
CA SER A 45 2.67 5.12 15.75
C SER A 45 2.07 6.50 15.85
N GLN A 46 2.20 7.29 14.84
CA GLN A 46 1.62 8.67 14.86
C GLN A 46 0.14 8.57 14.49
N GLY A 47 -0.18 7.71 13.57
CA GLY A 47 -1.61 7.52 13.13
C GLY A 47 -1.70 7.38 11.62
N HIS A 48 -2.68 7.99 11.05
CA HIS A 48 -2.84 7.93 9.57
C HIS A 48 -2.33 9.23 8.95
N ALA A 49 -2.74 9.47 7.75
CA ALA A 49 -2.29 10.69 7.03
C ALA A 49 -3.41 11.19 6.11
N CYS A 50 -3.34 12.41 5.74
CA CYS A 50 -4.36 13.03 4.85
C CYS A 50 -4.01 12.67 3.42
N GLY A 51 -4.96 12.81 2.55
CA GLY A 51 -4.74 12.51 1.11
C GLY A 51 -5.02 11.03 0.87
N ALA A 52 -4.43 10.19 1.63
CA ALA A 52 -4.64 8.72 1.44
C ALA A 52 -4.34 7.98 2.73
N ILE A 53 -4.57 6.71 2.72
CA ILE A 53 -4.30 5.91 3.94
C ILE A 53 -2.98 5.16 3.78
N ASN A 54 -2.22 5.12 4.83
CA ASN A 54 -0.89 4.43 4.78
C ASN A 54 -0.76 3.52 5.96
N VAL A 55 -0.40 2.31 5.74
CA VAL A 55 -0.24 1.38 6.86
C VAL A 55 0.96 0.47 6.59
N PRO A 56 1.40 -0.21 7.61
CA PRO A 56 2.58 -1.10 7.52
C PRO A 56 2.25 -2.40 6.84
N TYR A 57 1.26 -2.36 6.00
CA TYR A 57 0.85 -3.58 5.24
C TYR A 57 0.73 -4.75 6.19
N MET A 58 1.77 -5.47 6.36
CA MET A 58 1.75 -6.64 7.26
C MET A 58 3.15 -6.93 7.79
N ASN A 59 3.28 -7.03 9.06
CA ASN A 59 4.62 -7.31 9.67
C ASN A 59 4.39 -7.98 11.02
N ARG A 60 4.95 -9.13 11.22
CA ARG A 60 4.78 -9.83 12.55
C ARG A 60 6.15 -10.06 13.16
N GLY A 61 6.34 -9.54 14.33
CA GLY A 61 7.65 -9.72 15.01
C GLY A 61 8.69 -8.79 14.40
N ALA A 62 8.86 -8.88 13.13
CA ALA A 62 9.84 -8.00 12.45
C ALA A 62 9.50 -6.56 12.79
N SER A 63 8.27 -6.30 13.03
CA SER A 63 7.85 -4.92 13.40
C SER A 63 7.78 -4.85 14.93
N GLY A 64 8.38 -5.81 15.59
CA GLY A 64 8.34 -5.84 17.09
C GLY A 64 7.00 -6.42 17.55
N MET A 65 6.57 -7.46 16.88
CA MET A 65 5.28 -8.11 17.25
C MET A 65 4.13 -7.11 17.15
N SER A 66 3.93 -6.56 16.00
CA SER A 66 2.83 -5.57 15.80
C SER A 66 2.38 -5.64 14.34
N LYS A 67 1.41 -6.45 14.07
CA LYS A 67 0.91 -6.56 12.67
C LYS A 67 -0.39 -5.78 12.55
N ASN A 68 -0.61 -5.23 11.40
CA ASN A 68 -1.84 -4.41 11.15
C ASN A 68 -3.03 -5.04 11.83
N THR A 69 -3.26 -4.65 13.03
CA THR A 69 -4.41 -5.22 13.78
C THR A 69 -4.44 -6.74 13.59
N ASP A 70 -5.30 -7.24 12.76
CA ASP A 70 -5.36 -8.72 12.53
C ASP A 70 -6.34 -8.99 11.39
N PHE A 71 -6.78 -7.96 10.76
CA PHE A 71 -7.75 -8.09 9.63
C PHE A 71 -7.18 -9.09 8.62
N LEU A 72 -5.90 -9.26 8.62
CA LEU A 72 -5.27 -10.19 7.65
C LEU A 72 -6.04 -11.52 7.68
N GLU A 73 -6.20 -12.07 8.85
CA GLU A 73 -6.97 -13.35 8.97
C GLU A 73 -8.35 -13.16 8.37
N GLN A 74 -8.92 -12.00 8.52
CA GLN A 74 -10.31 -11.75 7.99
C GLN A 74 -10.23 -11.65 6.47
N VAL A 75 -9.37 -10.81 5.98
CA VAL A 75 -9.27 -10.65 4.50
C VAL A 75 -8.52 -11.84 3.92
N SER A 76 -7.41 -12.17 4.50
CA SER A 76 -6.62 -13.34 4.00
C SER A 76 -7.55 -14.55 3.93
N SER A 77 -8.65 -14.51 4.63
CA SER A 77 -9.61 -15.65 4.59
C SER A 77 -9.98 -15.94 3.13
N HIS A 78 -10.02 -14.94 2.32
CA HIS A 78 -10.36 -15.15 0.88
C HIS A 78 -9.90 -13.92 0.10
N PHE A 79 -9.69 -12.83 0.78
CA PHE A 79 -9.24 -11.59 0.07
C PHE A 79 -7.85 -11.17 0.56
N GLY A 80 -7.26 -10.23 -0.11
CA GLY A 80 -5.91 -9.74 0.29
C GLY A 80 -5.99 -8.33 0.88
N GLN A 81 -5.27 -8.09 1.92
CA GLN A 81 -5.27 -6.74 2.55
C GLN A 81 -5.13 -5.68 1.47
N SER A 82 -4.70 -6.05 0.31
CA SER A 82 -4.58 -5.06 -0.80
C SER A 82 -5.41 -5.57 -1.99
N ASP A 83 -6.29 -6.49 -1.73
CA ASP A 83 -7.15 -7.08 -2.81
C ASP A 83 -7.59 -5.96 -3.75
N ASN A 84 -7.03 -5.93 -4.92
CA ASN A 84 -7.39 -4.86 -5.90
C ASN A 84 -7.21 -3.50 -5.26
N ILE A 85 -6.00 -3.12 -5.03
CA ILE A 85 -5.76 -1.81 -4.38
C ILE A 85 -4.51 -1.18 -4.98
N ILE A 86 -4.28 0.05 -4.68
CA ILE A 86 -3.07 0.72 -5.22
C ILE A 86 -2.11 0.99 -4.08
N VAL A 87 -1.03 0.29 -4.07
CA VAL A 87 -0.05 0.44 -2.95
C VAL A 87 1.23 1.07 -3.51
N GLY A 88 2.08 1.51 -2.64
CA GLY A 88 3.36 2.15 -3.07
C GLY A 88 4.45 1.89 -2.04
N CYS A 89 5.64 1.66 -2.50
CA CYS A 89 6.76 1.39 -1.56
C CYS A 89 7.44 2.69 -1.19
N GLN A 90 7.81 2.83 0.05
CA GLN A 90 8.46 4.08 0.53
C GLN A 90 9.31 4.69 -0.57
N SER A 91 10.54 4.31 -0.62
CA SER A 91 11.48 4.85 -1.65
C SER A 91 12.53 3.81 -2.00
N GLY A 92 13.14 3.96 -3.12
CA GLY A 92 14.19 2.98 -3.55
C GLY A 92 13.60 2.00 -4.56
N GLY A 93 14.14 1.98 -5.73
CA GLY A 93 13.65 1.06 -6.80
C GLY A 93 13.73 -0.37 -6.28
N ARG A 94 14.76 -0.68 -5.55
CA ARG A 94 14.91 -2.07 -5.01
C ARG A 94 13.75 -2.36 -4.08
N SER A 95 13.21 -1.34 -3.47
CA SER A 95 12.08 -1.55 -2.52
C SER A 95 10.91 -2.15 -3.27
N ILE A 96 10.67 -1.70 -4.45
CA ILE A 96 9.53 -2.23 -5.25
C ILE A 96 9.76 -3.71 -5.53
N LYS A 97 11.00 -4.10 -5.64
CA LYS A 97 11.30 -5.55 -5.90
C LYS A 97 10.98 -6.35 -4.63
N ALA A 98 11.40 -5.86 -3.51
CA ALA A 98 11.13 -6.59 -2.24
C ALA A 98 9.62 -6.77 -2.06
N THR A 99 8.88 -5.83 -2.53
CA THR A 99 7.40 -5.90 -2.41
C THR A 99 6.85 -6.70 -3.61
N THR A 100 7.14 -6.26 -4.78
CA THR A 100 6.67 -6.95 -6.00
C THR A 100 7.03 -8.44 -5.91
N ASP A 101 8.21 -8.74 -5.46
CA ASP A 101 8.62 -10.18 -5.30
C ASP A 101 7.79 -10.78 -4.16
N LEU A 102 7.70 -10.07 -3.07
CA LEU A 102 6.93 -10.59 -1.91
C LEU A 102 5.46 -10.70 -2.29
N LEU A 103 4.95 -9.71 -2.96
CA LEU A 103 3.54 -9.75 -3.42
C LEU A 103 3.37 -10.92 -4.40
N HIS A 104 4.34 -11.18 -5.21
CA HIS A 104 4.25 -12.33 -6.17
C HIS A 104 4.25 -13.64 -5.36
N ALA A 105 4.66 -13.57 -4.14
CA ALA A 105 4.67 -14.80 -3.29
C ALA A 105 3.23 -15.28 -3.14
N GLY A 106 2.29 -14.42 -3.39
CA GLY A 106 0.85 -14.80 -3.28
C GLY A 106 0.08 -13.70 -2.55
N PHE A 107 0.37 -12.48 -2.85
CA PHE A 107 -0.33 -11.36 -2.18
C PHE A 107 -0.34 -10.14 -3.11
N THR A 108 -0.40 -10.36 -4.38
CA THR A 108 -0.43 -9.20 -5.33
C THR A 108 -1.86 -8.73 -5.54
N GLY A 109 -2.20 -8.44 -6.75
CA GLY A 109 -3.59 -7.97 -7.07
C GLY A 109 -3.67 -6.48 -6.75
N VAL A 110 -2.57 -5.82 -6.74
CA VAL A 110 -2.56 -4.37 -6.41
C VAL A 110 -1.53 -3.65 -7.25
N LYS A 111 -1.59 -2.36 -7.28
CA LYS A 111 -0.60 -1.60 -8.10
C LYS A 111 0.49 -1.07 -7.17
N ASP A 112 1.66 -0.87 -7.72
CA ASP A 112 2.80 -0.37 -6.90
C ASP A 112 3.08 1.07 -7.28
N ILE A 113 2.91 1.95 -6.38
CA ILE A 113 3.15 3.38 -6.68
C ILE A 113 4.50 3.82 -6.14
N VAL A 114 5.31 4.41 -6.95
CA VAL A 114 6.66 4.85 -6.48
C VAL A 114 6.62 6.34 -6.16
N GLY A 115 7.22 6.70 -5.08
CA GLY A 115 7.25 8.14 -4.67
C GLY A 115 5.96 8.50 -3.94
N GLY A 116 5.60 9.74 -3.98
CA GLY A 116 4.36 10.18 -3.29
C GLY A 116 4.68 10.58 -1.85
N TYR A 117 5.42 9.76 -1.19
CA TYR A 117 5.82 10.02 0.23
C TYR A 117 6.45 11.39 0.34
N SER A 118 7.43 11.65 -0.46
CA SER A 118 8.10 12.98 -0.43
C SER A 118 7.17 14.02 -1.02
N ALA A 119 6.40 13.65 -1.98
CA ALA A 119 5.47 14.62 -2.60
C ALA A 119 4.33 14.91 -1.63
N TRP A 120 3.67 13.87 -1.18
CA TRP A 120 2.54 14.06 -0.22
C TRP A 120 3.12 14.73 1.03
N ALA A 121 4.32 14.40 1.36
CA ALA A 121 4.96 15.03 2.54
C ALA A 121 4.86 16.54 2.43
N LYS A 122 4.98 17.05 1.24
CA LYS A 122 4.88 18.52 1.03
C LYS A 122 3.49 18.96 1.50
N ASN A 123 2.54 18.08 1.44
CA ASN A 123 1.15 18.44 1.90
C ASN A 123 1.23 18.99 3.32
N GLY A 124 1.91 18.29 4.17
CA GLY A 124 2.05 18.73 5.59
C GLY A 124 0.71 18.57 6.29
N LEU A 125 -0.16 17.77 5.74
CA LEU A 125 -1.50 17.58 6.37
C LEU A 125 -1.73 16.09 6.64
N PRO A 126 -1.49 15.65 7.84
CA PRO A 126 -1.69 14.24 8.22
C PRO A 126 -3.06 13.97 8.82
N THR A 127 -3.84 13.16 8.19
CA THR A 127 -5.18 12.86 8.73
C THR A 127 -5.09 11.62 9.61
N LYS A 128 -5.56 11.74 10.81
CA LYS A 128 -5.49 10.59 11.75
C LYS A 128 -6.20 10.98 13.03
N ALA A 129 -6.78 10.03 13.68
CA ALA A 129 -7.52 10.32 14.93
C ALA A 129 -8.45 11.53 14.72
N ALA A 11 -17.75 -10.79 -10.57
CA ALA A 11 -16.37 -11.33 -10.40
C ALA A 11 -15.71 -11.46 -11.76
N GLU A 12 -15.37 -10.36 -12.33
CA GLU A 12 -14.70 -10.37 -13.64
C GLU A 12 -13.62 -9.31 -13.67
N GLU A 13 -12.62 -9.48 -12.87
CA GLU A 13 -11.52 -8.47 -12.82
C GLU A 13 -10.18 -9.19 -12.66
N SER A 14 -9.19 -8.69 -13.29
CA SER A 14 -7.82 -9.30 -13.20
C SER A 14 -7.15 -8.74 -11.95
N ARG A 15 -6.13 -9.41 -11.48
CA ARG A 15 -5.41 -8.95 -10.25
C ARG A 15 -3.95 -9.40 -10.32
N VAL A 16 -3.08 -8.48 -10.58
CA VAL A 16 -1.64 -8.82 -10.67
C VAL A 16 -0.82 -7.65 -10.13
N PRO A 17 0.46 -7.81 -10.09
CA PRO A 17 1.37 -6.75 -9.59
C PRO A 17 1.74 -5.77 -10.70
N SER A 18 1.80 -4.52 -10.36
CA SER A 18 2.14 -3.48 -11.35
C SER A 18 2.97 -2.38 -10.68
N SER A 19 3.81 -1.76 -11.43
CA SER A 19 4.67 -0.67 -10.86
C SER A 19 4.10 0.68 -11.25
N VAL A 20 4.12 1.58 -10.34
CA VAL A 20 3.56 2.92 -10.61
C VAL A 20 4.31 3.97 -9.78
N SER A 21 4.27 5.21 -10.18
CA SER A 21 5.00 6.26 -9.41
C SER A 21 4.00 7.26 -8.86
N VAL A 22 4.37 7.98 -7.89
CA VAL A 22 3.46 8.97 -7.28
C VAL A 22 2.84 9.80 -8.38
N THR A 23 3.56 10.03 -9.43
CA THR A 23 3.01 10.82 -10.57
C THR A 23 1.74 10.15 -11.11
N VAL A 24 1.83 8.91 -11.50
CA VAL A 24 0.62 8.21 -12.01
C VAL A 24 -0.39 8.07 -10.87
N ALA A 25 0.08 7.85 -9.69
CA ALA A 25 -0.83 7.73 -8.53
C ALA A 25 -1.70 8.99 -8.46
N HIS A 26 -1.14 10.11 -8.79
CA HIS A 26 -1.91 11.38 -8.75
C HIS A 26 -3.15 11.20 -9.63
N ASP A 27 -2.97 10.69 -10.81
CA ASP A 27 -4.15 10.45 -11.72
C ASP A 27 -5.10 9.47 -11.04
N LEU A 28 -4.56 8.45 -10.44
CA LEU A 28 -5.40 7.43 -9.76
C LEU A 28 -6.08 8.08 -8.56
N LEU A 29 -5.42 9.02 -7.95
CA LEU A 29 -6.01 9.74 -6.77
C LEU A 29 -7.36 10.34 -7.21
N LEU A 30 -7.43 10.87 -8.41
CA LEU A 30 -8.71 11.44 -8.93
C LEU A 30 -9.75 10.30 -8.99
N ALA A 31 -9.30 9.10 -9.21
CA ALA A 31 -10.24 7.95 -9.26
C ALA A 31 -10.85 7.75 -7.88
N GLY A 32 -10.13 8.13 -6.86
CA GLY A 32 -10.65 7.99 -5.47
C GLY A 32 -10.70 6.51 -5.07
N HIS A 33 -9.64 5.81 -5.28
CA HIS A 33 -9.62 4.36 -4.91
C HIS A 33 -8.84 4.17 -3.62
N ARG A 34 -8.89 3.00 -3.07
CA ARG A 34 -8.18 2.71 -1.79
C ARG A 34 -6.69 2.93 -1.97
N TYR A 35 -6.12 3.70 -1.10
CA TYR A 35 -4.66 4.02 -1.18
C TYR A 35 -3.93 3.32 -0.03
N LEU A 36 -3.19 2.29 -0.32
CA LEU A 36 -2.45 1.55 0.75
C LEU A 36 -0.99 2.01 0.73
N ASP A 37 -0.45 2.27 1.87
CA ASP A 37 0.98 2.72 1.96
C ASP A 37 1.64 2.01 3.12
N VAL A 38 2.83 1.58 2.96
CA VAL A 38 3.55 0.93 4.09
C VAL A 38 4.94 1.52 4.16
N ARG A 39 5.02 2.72 4.67
CA ARG A 39 6.33 3.41 4.80
C ARG A 39 6.98 2.92 6.08
N THR A 40 6.23 2.78 7.12
CA THR A 40 6.82 2.31 8.40
C THR A 40 5.76 2.31 9.51
N PRO A 41 5.82 1.35 10.40
CA PRO A 41 4.83 1.26 11.50
C PRO A 41 4.57 2.62 12.12
N GLU A 42 5.54 3.48 12.04
CA GLU A 42 5.37 4.85 12.62
C GLU A 42 4.36 5.61 11.76
N GLU A 43 4.31 5.33 10.50
CA GLU A 43 3.35 6.05 9.59
C GLU A 43 1.94 5.93 10.17
N PHE A 44 1.66 4.82 10.78
CA PHE A 44 0.32 4.59 11.41
C PHE A 44 0.28 5.32 12.76
N SER A 45 1.38 5.32 13.46
CA SER A 45 1.43 5.99 14.80
C SER A 45 1.24 7.48 14.61
N GLN A 46 1.85 8.04 13.61
CA GLN A 46 1.71 9.50 13.38
C GLN A 46 0.34 9.78 12.78
N GLY A 47 -0.50 8.78 12.76
CA GLY A 47 -1.90 8.95 12.24
C GLY A 47 -1.96 8.65 10.76
N HIS A 48 -2.98 9.12 10.12
CA HIS A 48 -3.13 8.89 8.66
C HIS A 48 -2.74 10.15 7.90
N ALA A 49 -3.21 10.25 6.69
CA ALA A 49 -2.88 11.42 5.85
C ALA A 49 -4.11 11.81 5.02
N CYS A 50 -4.03 12.94 4.40
CA CYS A 50 -5.15 13.44 3.57
C CYS A 50 -5.06 12.78 2.20
N GLY A 51 -5.94 11.87 1.95
CA GLY A 51 -5.97 11.15 0.65
C GLY A 51 -4.92 10.06 0.67
N ALA A 52 -4.58 9.59 1.82
CA ALA A 52 -3.55 8.51 1.90
C ALA A 52 -3.83 7.61 3.09
N ILE A 53 -3.97 6.36 2.85
CA ILE A 53 -4.22 5.42 3.97
C ILE A 53 -3.06 4.44 4.11
N ASN A 54 -2.36 4.52 5.18
CA ASN A 54 -1.17 3.65 5.39
C ASN A 54 -1.56 2.48 6.27
N VAL A 55 -1.16 1.33 5.90
CA VAL A 55 -1.51 0.15 6.72
C VAL A 55 -0.30 -0.79 6.78
N PRO A 56 0.51 -0.61 7.78
CA PRO A 56 1.74 -1.40 7.95
C PRO A 56 1.43 -2.82 8.41
N TYR A 57 1.18 -3.67 7.46
CA TYR A 57 0.85 -5.08 7.79
C TYR A 57 2.06 -5.75 8.43
N MET A 58 3.13 -5.81 7.72
CA MET A 58 4.36 -6.44 8.26
C MET A 58 5.59 -5.68 7.79
N ASN A 59 6.60 -5.70 8.58
CA ASN A 59 7.87 -4.99 8.21
C ASN A 59 9.04 -5.74 8.85
N ARG A 60 9.94 -6.21 8.06
CA ARG A 60 11.12 -6.95 8.62
C ARG A 60 12.27 -5.99 8.79
N GLY A 61 12.78 -5.89 9.98
CA GLY A 61 13.93 -4.98 10.25
C GLY A 61 13.44 -3.55 10.30
N ALA A 62 12.73 -3.13 9.31
CA ALA A 62 12.18 -1.76 9.30
C ALA A 62 11.32 -1.58 10.54
N SER A 63 11.09 -2.63 11.24
CA SER A 63 10.27 -2.54 12.48
C SER A 63 11.08 -3.16 13.61
N GLY A 64 12.35 -3.35 13.40
CA GLY A 64 13.23 -3.97 14.46
C GLY A 64 13.00 -5.47 14.46
N MET A 65 13.01 -6.07 13.32
CA MET A 65 12.80 -7.54 13.21
C MET A 65 11.49 -7.95 13.88
N SER A 66 10.42 -7.91 13.14
CA SER A 66 9.09 -8.29 13.70
C SER A 66 8.10 -8.42 12.54
N LYS A 67 7.97 -9.59 12.01
CA LYS A 67 7.02 -9.79 10.89
C LYS A 67 6.09 -10.96 11.22
N ASN A 68 4.82 -10.70 11.23
CA ASN A 68 3.82 -11.75 11.58
C ASN A 68 3.91 -12.89 10.60
N THR A 69 3.25 -13.95 10.91
CA THR A 69 3.29 -15.13 10.01
C THR A 69 2.12 -16.06 10.32
N ASP A 70 0.92 -15.56 10.37
CA ASP A 70 -0.26 -16.44 10.64
C ASP A 70 -1.29 -16.22 9.54
N PHE A 71 -1.52 -14.99 9.22
CA PHE A 71 -2.50 -14.63 8.16
C PHE A 71 -2.09 -15.32 6.86
N LEU A 72 -0.85 -15.67 6.75
CA LEU A 72 -0.37 -16.31 5.51
C LEU A 72 -1.34 -17.41 5.11
N GLU A 73 -1.76 -18.20 6.05
CA GLU A 73 -2.77 -19.26 5.76
C GLU A 73 -4.03 -18.60 5.21
N GLN A 74 -4.37 -17.45 5.71
CA GLN A 74 -5.59 -16.74 5.20
C GLN A 74 -5.23 -16.00 3.91
N VAL A 75 -4.17 -15.25 3.93
CA VAL A 75 -3.77 -14.52 2.71
C VAL A 75 -3.40 -15.52 1.63
N SER A 76 -2.67 -16.53 1.98
CA SER A 76 -2.28 -17.57 0.98
C SER A 76 -3.54 -18.30 0.54
N SER A 77 -4.58 -18.23 1.32
CA SER A 77 -5.86 -18.91 0.94
C SER A 77 -6.26 -18.50 -0.47
N HIS A 78 -6.28 -17.22 -0.73
CA HIS A 78 -6.65 -16.74 -2.10
C HIS A 78 -6.85 -15.22 -2.02
N PHE A 79 -6.89 -14.69 -0.84
CA PHE A 79 -7.10 -13.21 -0.69
C PHE A 79 -5.76 -12.52 -0.40
N GLY A 80 -5.64 -11.30 -0.82
CA GLY A 80 -4.38 -10.52 -0.59
C GLY A 80 -4.64 -9.35 0.35
N GLN A 81 -3.71 -9.06 1.20
CA GLN A 81 -3.86 -7.93 2.15
C GLN A 81 -4.43 -6.72 1.41
N SER A 82 -3.94 -6.45 0.25
CA SER A 82 -4.46 -5.28 -0.52
C SER A 82 -4.97 -5.81 -1.88
N ASP A 83 -5.32 -7.07 -1.93
CA ASP A 83 -5.82 -7.69 -3.20
C ASP A 83 -6.63 -6.66 -3.97
N ASN A 84 -6.18 -6.32 -5.14
CA ASN A 84 -6.91 -5.33 -5.98
C ASN A 84 -6.89 -3.97 -5.30
N ILE A 85 -5.74 -3.45 -5.09
CA ILE A 85 -5.64 -2.13 -4.45
C ILE A 85 -4.40 -1.40 -4.94
N ILE A 86 -4.20 -0.21 -4.51
CA ILE A 86 -2.99 0.54 -4.93
C ILE A 86 -2.07 0.70 -3.73
N VAL A 87 -0.99 -0.01 -3.74
CA VAL A 87 -0.06 0.03 -2.59
C VAL A 87 1.27 0.65 -3.03
N GLY A 88 2.09 1.00 -2.09
CA GLY A 88 3.41 1.61 -2.42
C GLY A 88 4.44 1.25 -1.36
N CYS A 89 5.64 1.01 -1.78
CA CYS A 89 6.70 0.62 -0.80
C CYS A 89 7.45 1.86 -0.34
N GLN A 90 7.90 1.84 0.87
CA GLN A 90 8.62 3.02 1.44
C GLN A 90 9.56 3.61 0.41
N SER A 91 10.16 2.77 -0.37
CA SER A 91 11.11 3.25 -1.42
C SER A 91 10.80 2.58 -2.74
N GLY A 92 11.24 3.17 -3.81
CA GLY A 92 10.97 2.59 -5.16
C GLY A 92 12.28 2.07 -5.77
N GLY A 93 12.20 1.56 -6.95
CA GLY A 93 13.41 1.02 -7.63
C GLY A 93 13.87 -0.23 -6.91
N ARG A 94 14.43 -0.07 -5.74
CA ARG A 94 14.92 -1.26 -4.97
C ARG A 94 13.72 -2.08 -4.53
N SER A 95 12.62 -1.44 -4.33
CA SER A 95 11.39 -2.18 -3.89
C SER A 95 10.69 -2.76 -5.10
N ILE A 96 10.82 -2.12 -6.22
CA ILE A 96 10.15 -2.64 -7.44
C ILE A 96 10.58 -4.07 -7.69
N LYS A 97 11.86 -4.34 -7.64
CA LYS A 97 12.34 -5.74 -7.84
C LYS A 97 11.94 -6.57 -6.61
N ALA A 98 12.06 -6.02 -5.46
CA ALA A 98 11.68 -6.77 -4.23
C ALA A 98 10.18 -7.04 -4.24
N THR A 99 9.43 -6.08 -4.65
CA THR A 99 7.96 -6.23 -4.72
C THR A 99 7.61 -7.31 -5.76
N THR A 100 8.11 -7.15 -6.93
CA THR A 100 7.85 -8.12 -8.02
C THR A 100 8.05 -9.54 -7.48
N ASP A 101 9.02 -9.72 -6.63
CA ASP A 101 9.29 -11.08 -6.04
C ASP A 101 8.42 -11.24 -4.79
N LEU A 102 8.46 -10.27 -3.92
CA LEU A 102 7.68 -10.35 -2.66
C LEU A 102 6.20 -10.43 -3.02
N LEU A 103 5.77 -9.62 -3.93
CA LEU A 103 4.34 -9.65 -4.35
C LEU A 103 4.04 -11.01 -4.98
N HIS A 104 4.96 -11.55 -5.73
CA HIS A 104 4.74 -12.90 -6.35
C HIS A 104 4.51 -13.92 -5.23
N ALA A 105 4.90 -13.59 -4.04
CA ALA A 105 4.69 -14.52 -2.89
C ALA A 105 3.19 -14.74 -2.73
N GLY A 106 2.40 -13.86 -3.26
CA GLY A 106 0.92 -13.99 -3.16
C GLY A 106 0.32 -12.69 -2.64
N PHE A 107 1.13 -11.68 -2.54
CA PHE A 107 0.62 -10.37 -2.03
C PHE A 107 0.43 -9.41 -3.21
N THR A 108 0.38 -9.92 -4.40
CA THR A 108 0.20 -9.04 -5.58
C THR A 108 -1.26 -8.63 -5.72
N GLY A 109 -1.70 -8.38 -6.91
CA GLY A 109 -3.11 -7.97 -7.15
C GLY A 109 -3.27 -6.49 -6.78
N VAL A 110 -2.19 -5.80 -6.72
CA VAL A 110 -2.25 -4.36 -6.33
C VAL A 110 -1.17 -3.58 -7.08
N LYS A 111 -1.26 -2.29 -7.06
CA LYS A 111 -0.24 -1.48 -7.78
C LYS A 111 0.80 -1.00 -6.78
N ASP A 112 2.02 -0.91 -7.22
CA ASP A 112 3.12 -0.49 -6.31
C ASP A 112 3.42 0.98 -6.56
N ILE A 113 3.09 1.81 -5.64
CA ILE A 113 3.33 3.26 -5.82
C ILE A 113 4.65 3.66 -5.19
N VAL A 114 5.40 4.49 -5.84
CA VAL A 114 6.71 4.91 -5.27
C VAL A 114 6.57 6.28 -4.60
N GLY A 115 7.26 6.46 -3.53
CA GLY A 115 7.20 7.77 -2.80
C GLY A 115 5.94 7.82 -1.95
N GLY A 116 5.08 8.74 -2.25
CA GLY A 116 3.82 8.88 -1.48
C GLY A 116 4.00 9.92 -0.37
N TYR A 117 4.52 9.48 0.72
CA TYR A 117 4.78 10.38 1.89
C TYR A 117 5.64 11.55 1.47
N SER A 118 6.66 11.27 0.71
CA SER A 118 7.57 12.35 0.25
C SER A 118 6.78 13.36 -0.56
N ALA A 119 5.88 12.91 -1.34
CA ALA A 119 5.06 13.84 -2.16
C ALA A 119 4.07 14.56 -1.24
N TRP A 120 3.36 13.82 -0.45
CA TRP A 120 2.38 14.46 0.50
C TRP A 120 3.14 15.50 1.31
N ALA A 121 4.34 15.19 1.68
CA ALA A 121 5.16 16.17 2.42
C ALA A 121 5.42 17.38 1.53
N LYS A 122 5.39 17.18 0.24
CA LYS A 122 5.62 18.31 -0.71
C LYS A 122 4.58 19.39 -0.39
N ASN A 123 3.36 19.00 -0.15
CA ASN A 123 2.30 20.01 0.21
C ASN A 123 2.26 20.16 1.73
N GLY A 124 1.85 19.13 2.40
CA GLY A 124 1.79 19.19 3.89
C GLY A 124 0.32 19.12 4.32
N LEU A 125 -0.42 18.20 3.78
CA LEU A 125 -1.86 18.09 4.15
C LEU A 125 -2.16 16.66 4.60
N PRO A 126 -1.80 16.33 5.81
CA PRO A 126 -2.03 14.97 6.35
C PRO A 126 -3.31 14.86 7.16
N THR A 127 -4.21 14.05 6.74
CA THR A 127 -5.47 13.89 7.49
C THR A 127 -5.33 12.72 8.45
N LYS A 128 -5.78 12.90 9.65
CA LYS A 128 -5.66 11.84 10.66
C LYS A 128 -6.37 12.28 11.93
N ALA A 129 -6.93 11.36 12.62
CA ALA A 129 -7.68 11.71 13.86
C ALA A 129 -8.73 12.81 13.56
N ALA A 11 -15.91 -10.25 -17.45
CA ALA A 11 -14.72 -11.11 -17.24
C ALA A 11 -13.51 -10.23 -17.00
N GLU A 12 -13.72 -9.11 -16.42
CA GLU A 12 -12.61 -8.18 -16.13
C GLU A 12 -11.94 -8.61 -14.83
N GLU A 13 -12.30 -9.75 -14.34
CA GLU A 13 -11.70 -10.24 -13.07
C GLU A 13 -10.20 -10.43 -13.24
N SER A 14 -9.66 -11.38 -12.56
CA SER A 14 -8.19 -11.67 -12.66
C SER A 14 -7.46 -10.66 -11.76
N ARG A 15 -6.42 -11.12 -11.10
CA ARG A 15 -5.65 -10.22 -10.18
C ARG A 15 -4.18 -10.22 -10.59
N VAL A 16 -3.65 -9.07 -10.82
CA VAL A 16 -2.22 -8.98 -11.23
C VAL A 16 -1.59 -7.76 -10.58
N PRO A 17 -0.33 -7.82 -10.29
CA PRO A 17 0.40 -6.69 -9.69
C PRO A 17 1.00 -5.79 -10.75
N SER A 18 1.33 -4.59 -10.37
CA SER A 18 1.94 -3.62 -11.31
C SER A 18 2.64 -2.51 -10.54
N SER A 19 3.63 -1.93 -11.13
CA SER A 19 4.39 -0.84 -10.45
C SER A 19 4.06 0.49 -11.12
N VAL A 20 4.01 1.51 -10.34
CA VAL A 20 3.67 2.84 -10.90
C VAL A 20 4.45 3.92 -10.15
N SER A 21 4.31 5.15 -10.53
CA SER A 21 5.07 6.24 -9.85
C SER A 21 4.09 7.23 -9.24
N VAL A 22 4.50 7.86 -8.21
CA VAL A 22 3.62 8.85 -7.54
C VAL A 22 3.02 9.75 -8.60
N THR A 23 3.75 10.02 -9.64
CA THR A 23 3.22 10.90 -10.72
C THR A 23 1.91 10.30 -11.25
N VAL A 24 1.93 9.08 -11.70
CA VAL A 24 0.66 8.46 -12.20
C VAL A 24 -0.33 8.32 -11.06
N ALA A 25 0.17 8.04 -9.90
CA ALA A 25 -0.72 7.91 -8.73
C ALA A 25 -1.63 9.15 -8.66
N HIS A 26 -1.10 10.28 -8.99
CA HIS A 26 -1.92 11.53 -8.96
C HIS A 26 -3.10 11.34 -9.92
N ASP A 27 -2.83 10.88 -11.12
CA ASP A 27 -3.94 10.63 -12.10
C ASP A 27 -4.89 9.60 -11.49
N LEU A 28 -4.35 8.56 -10.93
CA LEU A 28 -5.21 7.50 -10.33
C LEU A 28 -5.91 8.07 -9.10
N LEU A 29 -5.14 8.62 -8.20
CA LEU A 29 -5.74 9.25 -6.98
C LEU A 29 -6.72 10.35 -7.44
N LEU A 30 -6.34 11.13 -8.40
CA LEU A 30 -7.25 12.21 -8.95
C LEU A 30 -8.53 11.52 -9.44
N ALA A 31 -8.41 10.34 -9.96
CA ALA A 31 -9.62 9.61 -10.45
C ALA A 31 -10.43 9.16 -9.23
N GLY A 32 -9.79 9.11 -8.09
CA GLY A 32 -10.50 8.69 -6.84
C GLY A 32 -10.24 7.21 -6.58
N HIS A 33 -9.02 6.80 -6.62
CA HIS A 33 -8.69 5.37 -6.38
C HIS A 33 -8.02 5.23 -5.01
N ARG A 34 -8.37 4.21 -4.29
CA ARG A 34 -7.80 3.98 -2.91
C ARG A 34 -6.29 3.78 -3.02
N TYR A 35 -5.57 4.32 -2.09
CA TYR A 35 -4.08 4.20 -2.10
C TYR A 35 -3.62 3.62 -0.75
N LEU A 36 -3.01 2.48 -0.77
CA LEU A 36 -2.51 1.87 0.50
C LEU A 36 -1.06 2.31 0.73
N ASP A 37 -0.85 3.15 1.68
CA ASP A 37 0.52 3.66 1.95
C ASP A 37 1.17 2.75 2.98
N VAL A 38 2.28 2.20 2.67
CA VAL A 38 2.98 1.32 3.64
C VAL A 38 4.45 1.70 3.64
N ARG A 39 4.78 2.64 4.47
CA ARG A 39 6.20 3.10 4.58
C ARG A 39 6.92 2.15 5.52
N THR A 40 6.31 1.86 6.64
CA THR A 40 6.96 0.94 7.60
C THR A 40 6.15 0.88 8.90
N PRO A 41 6.43 -0.09 9.73
CA PRO A 41 5.71 -0.25 11.01
C PRO A 41 5.75 1.03 11.83
N GLU A 42 6.83 1.74 11.74
CA GLU A 42 6.95 3.02 12.49
C GLU A 42 5.86 3.97 12.00
N GLU A 43 5.48 3.86 10.76
CA GLU A 43 4.40 4.76 10.23
C GLU A 43 3.15 4.63 11.10
N PHE A 44 2.96 3.49 11.68
CA PHE A 44 1.78 3.24 12.56
C PHE A 44 1.99 3.97 13.88
N SER A 45 3.20 3.99 14.36
CA SER A 45 3.50 4.67 15.65
C SER A 45 2.94 6.09 15.62
N GLN A 46 3.21 6.80 14.57
CA GLN A 46 2.69 8.20 14.46
C GLN A 46 1.52 8.20 13.48
N GLY A 47 1.44 7.21 12.65
CA GLY A 47 0.32 7.11 11.65
C GLY A 47 0.61 7.95 10.43
N HIS A 48 -0.35 8.07 9.57
CA HIS A 48 -0.17 8.89 8.34
C HIS A 48 -1.42 8.77 7.48
N ALA A 49 -2.24 9.76 7.53
CA ALA A 49 -3.49 9.75 6.73
C ALA A 49 -4.02 11.18 6.58
N CYS A 50 -4.64 11.45 5.48
CA CYS A 50 -5.23 12.78 5.22
C CYS A 50 -5.95 12.71 3.90
N GLY A 51 -6.69 11.67 3.71
CA GLY A 51 -7.43 11.46 2.42
C GLY A 51 -6.92 10.20 1.77
N ALA A 52 -6.37 9.31 2.53
CA ALA A 52 -5.84 8.05 1.93
C ALA A 52 -5.84 6.95 2.99
N ILE A 53 -5.42 5.80 2.60
CA ILE A 53 -5.39 4.68 3.57
C ILE A 53 -3.98 4.10 3.67
N ASN A 54 -3.63 3.63 4.82
CA ASN A 54 -2.27 3.06 5.02
C ASN A 54 -2.38 1.72 5.70
N VAL A 55 -1.54 0.83 5.35
CA VAL A 55 -1.60 -0.51 5.97
C VAL A 55 -0.17 -1.00 6.21
N PRO A 56 0.33 -0.73 7.38
CA PRO A 56 1.69 -1.15 7.77
C PRO A 56 1.73 -2.61 8.18
N TYR A 57 1.49 -3.46 7.23
CA TYR A 57 1.48 -4.92 7.51
C TYR A 57 0.58 -5.22 8.68
N MET A 58 1.09 -5.12 9.85
CA MET A 58 0.27 -5.38 11.06
C MET A 58 -0.47 -4.12 11.48
N ASN A 59 -1.73 -4.24 11.71
CA ASN A 59 -2.53 -3.06 12.13
C ASN A 59 -3.56 -3.52 13.17
N ARG A 60 -3.47 -3.02 14.36
CA ARG A 60 -4.44 -3.44 15.42
C ARG A 60 -5.33 -2.27 15.76
N GLY A 61 -6.60 -2.46 15.66
CA GLY A 61 -7.56 -1.36 16.00
C GLY A 61 -7.61 -0.36 14.86
N ALA A 62 -6.52 0.20 14.53
CA ALA A 62 -6.46 1.18 13.43
C ALA A 62 -7.08 0.54 12.19
N SER A 63 -6.98 -0.74 12.10
CA SER A 63 -7.57 -1.45 10.94
C SER A 63 -8.94 -1.99 11.38
N GLY A 64 -9.36 -1.64 12.56
CA GLY A 64 -10.68 -2.13 13.08
C GLY A 64 -10.47 -3.50 13.74
N MET A 65 -9.48 -3.59 14.57
CA MET A 65 -9.19 -4.88 15.28
C MET A 65 -8.98 -6.01 14.27
N SER A 66 -8.00 -5.86 13.44
CA SER A 66 -7.71 -6.91 12.42
C SER A 66 -6.33 -6.64 11.84
N LYS A 67 -5.33 -7.27 12.39
CA LYS A 67 -3.94 -7.06 11.88
C LYS A 67 -3.60 -8.21 10.92
N ASN A 68 -2.88 -7.90 9.90
CA ASN A 68 -2.50 -8.93 8.88
C ASN A 68 -1.91 -10.13 9.55
N THR A 69 -2.40 -11.27 9.23
CA THR A 69 -1.88 -12.51 9.84
C THR A 69 -2.39 -13.73 9.08
N ASP A 70 -3.53 -13.65 8.47
CA ASP A 70 -4.05 -14.82 7.70
C ASP A 70 -4.92 -14.29 6.56
N PHE A 71 -4.31 -13.64 5.63
CA PHE A 71 -5.05 -13.07 4.46
C PHE A 71 -5.98 -14.14 3.89
N LEU A 72 -5.62 -15.37 4.08
CA LEU A 72 -6.44 -16.48 3.53
C LEU A 72 -7.88 -16.30 4.02
N GLU A 73 -8.04 -16.06 5.28
CA GLU A 73 -9.41 -15.82 5.84
C GLU A 73 -10.07 -14.69 5.05
N GLN A 74 -9.32 -13.70 4.68
CA GLN A 74 -9.91 -12.56 3.91
C GLN A 74 -9.97 -12.95 2.43
N VAL A 75 -8.90 -13.46 1.91
CA VAL A 75 -8.90 -13.86 0.47
C VAL A 75 -9.86 -15.02 0.28
N SER A 76 -9.81 -15.97 1.17
CA SER A 76 -10.73 -17.14 1.07
C SER A 76 -12.15 -16.63 0.93
N SER A 77 -12.46 -15.56 1.62
CA SER A 77 -13.84 -14.97 1.50
C SER A 77 -14.00 -14.32 0.14
N HIS A 78 -12.99 -14.40 -0.68
CA HIS A 78 -13.07 -13.79 -2.04
C HIS A 78 -12.86 -12.29 -1.90
N PHE A 79 -11.88 -11.90 -1.14
CA PHE A 79 -11.61 -10.44 -0.95
C PHE A 79 -10.20 -10.23 -0.40
N GLY A 80 -9.48 -9.33 -0.98
CA GLY A 80 -8.08 -9.04 -0.52
C GLY A 80 -7.99 -7.63 0.06
N GLN A 81 -7.34 -7.51 1.18
CA GLN A 81 -7.18 -6.17 1.82
C GLN A 81 -6.72 -5.16 0.78
N SER A 82 -6.16 -5.61 -0.29
CA SER A 82 -5.70 -4.67 -1.35
C SER A 82 -6.37 -5.09 -2.66
N ASP A 83 -7.39 -5.91 -2.57
CA ASP A 83 -8.11 -6.39 -3.80
C ASP A 83 -8.38 -5.20 -4.72
N ASN A 84 -7.71 -5.15 -5.83
CA ASN A 84 -7.90 -4.03 -6.79
C ASN A 84 -7.60 -2.72 -6.10
N ILE A 85 -6.38 -2.53 -5.70
CA ILE A 85 -6.02 -1.26 -5.01
C ILE A 85 -4.63 -0.84 -5.45
N ILE A 86 -4.19 0.28 -5.00
CA ILE A 86 -2.84 0.75 -5.38
C ILE A 86 -2.01 0.96 -4.13
N VAL A 87 -1.01 0.17 -3.97
CA VAL A 87 -0.14 0.28 -2.76
C VAL A 87 1.13 1.03 -3.14
N GLY A 88 1.99 1.21 -2.19
CA GLY A 88 3.28 1.93 -2.44
C GLY A 88 4.16 1.90 -1.20
N CYS A 89 5.42 1.72 -1.39
CA CYS A 89 6.35 1.66 -0.22
C CYS A 89 7.23 2.91 -0.22
N GLN A 90 7.58 3.36 0.94
CA GLN A 90 8.41 4.60 1.06
C GLN A 90 9.52 4.59 0.03
N SER A 91 10.48 3.74 0.23
CA SER A 91 11.64 3.65 -0.71
C SER A 91 11.19 3.02 -2.02
N GLY A 92 11.94 3.23 -3.06
CA GLY A 92 11.58 2.65 -4.38
C GLY A 92 12.79 1.98 -5.00
N GLY A 93 12.59 1.35 -6.12
CA GLY A 93 13.72 0.65 -6.81
C GLY A 93 14.26 -0.44 -5.89
N ARG A 94 15.02 -0.06 -4.91
CA ARG A 94 15.61 -1.07 -3.97
C ARG A 94 14.48 -1.72 -3.20
N SER A 95 13.48 -0.97 -2.85
CA SER A 95 12.35 -1.53 -2.07
C SER A 95 11.32 -2.11 -3.03
N ILE A 96 11.25 -1.58 -4.20
CA ILE A 96 10.26 -2.08 -5.19
C ILE A 96 10.51 -3.57 -5.44
N LYS A 97 11.73 -3.93 -5.69
CA LYS A 97 12.04 -5.38 -5.92
C LYS A 97 11.75 -6.15 -4.62
N ALA A 98 12.00 -5.55 -3.51
CA ALA A 98 11.73 -6.24 -2.21
C ALA A 98 10.23 -6.41 -2.04
N THR A 99 9.49 -5.39 -2.35
CA THR A 99 8.02 -5.43 -2.22
C THR A 99 7.44 -6.22 -3.40
N THR A 100 7.84 -5.87 -4.57
CA THR A 100 7.35 -6.55 -5.80
C THR A 100 7.60 -8.06 -5.66
N ASP A 101 8.79 -8.44 -5.29
CA ASP A 101 9.11 -9.89 -5.09
C ASP A 101 8.22 -10.42 -3.96
N LEU A 102 8.15 -9.68 -2.89
CA LEU A 102 7.30 -10.11 -1.75
C LEU A 102 5.83 -10.14 -2.19
N LEU A 103 5.44 -9.16 -2.95
CA LEU A 103 4.04 -9.13 -3.45
C LEU A 103 3.89 -10.15 -4.59
N HIS A 104 4.95 -10.40 -5.32
CA HIS A 104 4.88 -11.41 -6.42
C HIS A 104 4.35 -12.72 -5.86
N ALA A 105 4.68 -13.02 -4.65
CA ALA A 105 4.19 -14.29 -4.03
C ALA A 105 3.62 -13.95 -2.64
N GLY A 106 3.02 -12.81 -2.52
CA GLY A 106 2.43 -12.39 -1.21
C GLY A 106 1.19 -11.54 -1.46
N PHE A 107 1.24 -10.72 -2.46
CA PHE A 107 0.08 -9.84 -2.77
C PHE A 107 -0.22 -9.87 -4.27
N THR A 108 -1.36 -9.43 -4.67
CA THR A 108 -1.69 -9.45 -6.12
C THR A 108 -3.05 -8.79 -6.35
N GLY A 109 -3.23 -8.21 -7.50
CA GLY A 109 -4.53 -7.53 -7.83
C GLY A 109 -4.45 -6.08 -7.39
N VAL A 110 -3.27 -5.57 -7.25
CA VAL A 110 -3.11 -4.17 -6.81
C VAL A 110 -1.87 -3.55 -7.43
N LYS A 111 -1.82 -2.28 -7.55
CA LYS A 111 -0.64 -1.63 -8.16
C LYS A 111 0.27 -1.11 -7.05
N ASP A 112 1.51 -0.91 -7.37
CA ASP A 112 2.49 -0.45 -6.35
C ASP A 112 2.97 0.95 -6.74
N ILE A 113 2.86 1.86 -5.86
CA ILE A 113 3.29 3.25 -6.16
C ILE A 113 4.63 3.54 -5.51
N VAL A 114 5.39 4.42 -6.06
CA VAL A 114 6.71 4.76 -5.46
C VAL A 114 6.58 6.02 -4.62
N GLY A 115 7.16 6.00 -3.47
CA GLY A 115 7.10 7.17 -2.56
C GLY A 115 5.94 7.01 -1.59
N GLY A 116 5.32 8.09 -1.25
CA GLY A 116 4.17 8.03 -0.30
C GLY A 116 3.93 9.42 0.30
N TYR A 117 4.48 9.64 1.45
CA TYR A 117 4.35 10.94 2.15
C TYR A 117 4.74 12.08 1.22
N SER A 118 5.74 11.86 0.43
CA SER A 118 6.20 12.91 -0.52
C SER A 118 5.04 13.31 -1.41
N ALA A 119 4.20 12.39 -1.72
CA ALA A 119 3.04 12.71 -2.59
C ALA A 119 2.08 13.60 -1.81
N TRP A 120 1.70 13.17 -0.65
CA TRP A 120 0.77 13.99 0.20
C TRP A 120 1.46 15.30 0.49
N ALA A 121 2.74 15.25 0.70
CA ALA A 121 3.50 16.50 0.95
C ALA A 121 3.57 17.31 -0.33
N LYS A 122 3.51 16.65 -1.45
CA LYS A 122 3.58 17.37 -2.75
C LYS A 122 2.44 18.40 -2.77
N ASN A 123 1.29 18.02 -2.30
CA ASN A 123 0.14 18.99 -2.25
C ASN A 123 0.24 19.77 -0.94
N GLY A 124 0.10 19.10 0.16
CA GLY A 124 0.18 19.78 1.48
C GLY A 124 -0.93 19.23 2.38
N LEU A 125 -1.17 17.95 2.31
CA LEU A 125 -2.25 17.35 3.16
C LEU A 125 -1.61 16.63 4.34
N PRO A 126 -2.06 16.93 5.53
CA PRO A 126 -1.52 16.30 6.75
C PRO A 126 -1.32 14.80 6.62
N THR A 127 -1.36 14.10 7.70
CA THR A 127 -1.14 12.65 7.64
C THR A 127 -1.17 12.08 9.05
N LYS A 128 -2.19 11.36 9.36
CA LYS A 128 -2.33 10.79 10.73
C LYS A 128 -2.83 9.36 10.62
N ALA A 129 -2.79 8.65 11.68
CA ALA A 129 -3.23 7.23 11.65
C ALA A 129 -2.63 6.51 10.44
N ALA A 11 -10.19 -3.43 -18.46
CA ALA A 11 -8.85 -4.02 -18.21
C ALA A 11 -8.92 -5.52 -18.37
N GLU A 12 -9.21 -6.18 -17.32
CA GLU A 12 -9.34 -7.66 -17.35
C GLU A 12 -8.00 -8.26 -17.78
N GLU A 13 -6.95 -7.56 -17.55
CA GLU A 13 -5.61 -8.07 -17.94
C GLU A 13 -5.07 -8.99 -16.85
N SER A 14 -5.94 -9.56 -16.10
CA SER A 14 -5.54 -10.48 -14.99
C SER A 14 -5.21 -9.61 -13.77
N ARG A 15 -4.98 -10.24 -12.66
CA ARG A 15 -4.66 -9.49 -11.40
C ARG A 15 -3.21 -9.72 -11.00
N VAL A 16 -2.39 -8.77 -11.26
CA VAL A 16 -0.95 -8.92 -10.92
C VAL A 16 -0.47 -7.67 -10.18
N PRO A 17 0.73 -7.69 -9.71
CA PRO A 17 1.30 -6.53 -8.97
C PRO A 17 1.97 -5.56 -9.92
N SER A 18 1.19 -4.77 -10.59
CA SER A 18 1.74 -3.78 -11.56
C SER A 18 2.37 -2.62 -10.82
N SER A 19 3.42 -2.10 -11.34
CA SER A 19 4.12 -0.95 -10.68
C SER A 19 3.72 0.35 -11.36
N VAL A 20 3.74 1.40 -10.63
CA VAL A 20 3.34 2.71 -11.20
C VAL A 20 4.09 3.82 -10.49
N SER A 21 3.96 5.04 -10.94
CA SER A 21 4.68 6.17 -10.28
C SER A 21 3.68 7.04 -9.54
N VAL A 22 4.17 7.88 -8.71
CA VAL A 22 3.26 8.75 -7.93
C VAL A 22 2.49 9.65 -8.89
N THR A 23 3.08 9.97 -9.99
CA THR A 23 2.40 10.86 -10.98
C THR A 23 1.05 10.25 -11.34
N VAL A 24 1.01 8.98 -11.66
CA VAL A 24 -0.31 8.37 -12.02
C VAL A 24 -1.19 8.29 -10.79
N ALA A 25 -0.62 7.97 -9.68
CA ALA A 25 -1.41 7.88 -8.43
C ALA A 25 -2.20 9.19 -8.27
N HIS A 26 -1.63 10.28 -8.65
CA HIS A 26 -2.34 11.58 -8.53
C HIS A 26 -3.62 11.50 -9.37
N ASP A 27 -3.51 11.05 -10.59
CA ASP A 27 -4.73 10.91 -11.46
C ASP A 27 -5.70 9.93 -10.78
N LEU A 28 -5.17 8.94 -10.14
CA LEU A 28 -6.03 7.94 -9.47
C LEU A 28 -6.47 8.50 -8.12
N LEU A 29 -5.71 9.41 -7.58
CA LEU A 29 -6.06 10.03 -6.26
C LEU A 29 -7.40 10.78 -6.45
N LEU A 30 -7.55 11.49 -7.53
CA LEU A 30 -8.83 12.24 -7.79
C LEU A 30 -9.86 11.23 -8.33
N ALA A 31 -9.41 10.09 -8.74
CA ALA A 31 -10.36 9.05 -9.25
C ALA A 31 -11.23 8.58 -8.10
N GLY A 32 -10.72 8.65 -6.90
CA GLY A 32 -11.51 8.23 -5.71
C GLY A 32 -11.42 6.71 -5.54
N HIS A 33 -10.25 6.18 -5.63
CA HIS A 33 -10.09 4.70 -5.48
C HIS A 33 -9.27 4.40 -4.22
N ARG A 34 -9.31 3.19 -3.76
CA ARG A 34 -8.56 2.79 -2.53
C ARG A 34 -7.07 3.03 -2.73
N TYR A 35 -6.46 3.65 -1.79
CA TYR A 35 -5.01 3.97 -1.89
C TYR A 35 -4.26 3.25 -0.75
N LEU A 36 -3.51 2.25 -1.05
CA LEU A 36 -2.76 1.51 0.01
C LEU A 36 -1.29 1.95 -0.05
N ASP A 37 -0.73 2.24 1.08
CA ASP A 37 0.69 2.70 1.13
C ASP A 37 1.30 2.22 2.44
N VAL A 38 2.20 1.31 2.38
CA VAL A 38 2.87 0.83 3.62
C VAL A 38 3.99 1.81 3.95
N ARG A 39 3.75 2.63 4.92
CA ARG A 39 4.76 3.64 5.32
C ARG A 39 5.74 2.96 6.27
N THR A 40 5.22 2.19 7.19
CA THR A 40 6.13 1.52 8.17
C THR A 40 5.31 0.66 9.13
N PRO A 41 5.96 -0.15 9.92
CA PRO A 41 5.29 -1.05 10.88
C PRO A 41 4.37 -0.26 11.79
N GLU A 42 4.26 -0.69 13.02
CA GLU A 42 3.39 0.03 13.98
C GLU A 42 3.87 1.48 14.10
N GLU A 43 5.10 1.73 13.78
CA GLU A 43 5.63 3.13 13.85
C GLU A 43 4.67 4.06 13.10
N PHE A 44 4.02 3.54 12.11
CA PHE A 44 3.01 4.32 11.33
C PHE A 44 1.71 4.40 12.13
N SER A 45 1.43 3.38 12.88
CA SER A 45 0.18 3.35 13.70
C SER A 45 0.05 4.66 14.45
N GLN A 46 1.13 5.37 14.61
CA GLN A 46 1.08 6.67 15.35
C GLN A 46 0.31 7.68 14.48
N GLY A 47 0.04 7.32 13.27
CA GLY A 47 -0.73 8.22 12.35
C GLY A 47 -0.55 7.80 10.89
N HIS A 48 -0.90 8.67 10.01
CA HIS A 48 -0.75 8.36 8.56
C HIS A 48 -1.15 9.57 7.73
N ALA A 49 -0.17 10.22 7.18
CA ALA A 49 -0.43 11.44 6.37
C ALA A 49 -1.79 11.31 5.69
N CYS A 50 -2.35 12.41 5.35
CA CYS A 50 -3.68 12.44 4.67
C CYS A 50 -3.44 12.45 3.17
N GLY A 51 -4.45 12.12 2.43
CA GLY A 51 -4.35 12.10 0.94
C GLY A 51 -4.28 10.65 0.47
N ALA A 52 -4.15 9.74 1.38
CA ALA A 52 -4.07 8.31 0.98
C ALA A 52 -4.17 7.43 2.21
N ILE A 53 -4.55 6.22 2.02
CA ILE A 53 -4.65 5.29 3.18
C ILE A 53 -3.42 4.40 3.24
N ASN A 54 -2.89 4.25 4.42
CA ASN A 54 -1.66 3.43 4.59
C ASN A 54 -1.98 2.20 5.40
N VAL A 55 -1.53 1.09 4.97
CA VAL A 55 -1.79 -0.15 5.73
C VAL A 55 -0.57 -1.05 5.67
N PRO A 56 0.25 -0.96 6.69
CA PRO A 56 1.48 -1.77 6.79
C PRO A 56 1.19 -3.19 7.22
N TYR A 57 0.31 -3.82 6.48
CA TYR A 57 -0.05 -5.23 6.79
C TYR A 57 -0.42 -5.36 8.25
N MET A 58 -0.59 -4.25 8.90
CA MET A 58 -0.96 -4.28 10.33
C MET A 58 -1.76 -3.03 10.69
N ASN A 59 -2.67 -3.18 11.60
CA ASN A 59 -3.52 -2.02 12.02
C ASN A 59 -3.83 -2.16 13.49
N ARG A 60 -3.10 -1.48 14.33
CA ARG A 60 -3.37 -1.56 15.80
C ARG A 60 -3.81 -0.19 16.29
N GLY A 61 -4.80 -0.15 17.11
CA GLY A 61 -5.28 1.15 17.65
C GLY A 61 -6.36 0.91 18.70
N ALA A 62 -7.07 1.90 19.05
CA ALA A 62 -8.14 1.75 20.06
C ALA A 62 -9.24 0.88 19.46
N SER A 63 -9.03 0.43 18.27
CA SER A 63 -10.03 -0.44 17.62
C SER A 63 -10.17 -1.71 18.46
N GLY A 64 -9.27 -1.90 19.38
CA GLY A 64 -9.32 -3.12 20.25
C GLY A 64 -8.14 -4.02 19.91
N MET A 65 -7.10 -3.45 19.41
CA MET A 65 -5.87 -4.24 19.04
C MET A 65 -6.25 -5.44 18.17
N SER A 66 -6.06 -5.32 16.90
CA SER A 66 -6.39 -6.43 15.97
C SER A 66 -5.73 -6.15 14.62
N LYS A 67 -4.56 -6.66 14.43
CA LYS A 67 -3.84 -6.42 13.14
C LYS A 67 -3.94 -7.69 12.29
N ASN A 68 -4.05 -7.52 11.01
CA ASN A 68 -4.18 -8.68 10.08
C ASN A 68 -3.19 -9.75 10.44
N THR A 69 -3.64 -10.95 10.51
CA THR A 69 -2.74 -12.06 10.86
C THR A 69 -3.17 -13.34 10.12
N ASP A 70 -2.29 -14.25 9.91
CA ASP A 70 -2.67 -15.53 9.21
C ASP A 70 -3.36 -15.15 7.90
N PHE A 71 -2.76 -14.26 7.17
CA PHE A 71 -3.33 -13.81 5.87
C PHE A 71 -3.73 -15.03 5.05
N LEU A 72 -3.09 -16.14 5.31
CA LEU A 72 -3.39 -17.36 4.55
C LEU A 72 -4.91 -17.59 4.56
N GLU A 73 -5.50 -17.46 5.71
CA GLU A 73 -6.99 -17.59 5.79
C GLU A 73 -7.64 -16.60 4.83
N GLN A 74 -7.06 -15.45 4.68
CA GLN A 74 -7.64 -14.43 3.74
C GLN A 74 -7.16 -14.75 2.33
N VAL A 75 -5.89 -14.98 2.16
CA VAL A 75 -5.37 -15.30 0.80
C VAL A 75 -5.92 -16.65 0.37
N SER A 76 -5.86 -17.61 1.23
CA SER A 76 -6.39 -18.97 0.89
C SER A 76 -7.84 -18.80 0.42
N SER A 77 -8.54 -17.85 0.96
CA SER A 77 -9.95 -17.61 0.52
C SER A 77 -9.94 -16.99 -0.87
N HIS A 78 -8.79 -16.78 -1.43
CA HIS A 78 -8.71 -16.18 -2.79
C HIS A 78 -8.98 -14.67 -2.68
N PHE A 79 -8.20 -13.99 -1.88
CA PHE A 79 -8.40 -12.52 -1.71
C PHE A 79 -7.16 -11.89 -1.09
N GLY A 80 -6.79 -10.74 -1.56
CA GLY A 80 -5.58 -10.04 -1.02
C GLY A 80 -6.00 -8.77 -0.30
N GLN A 81 -5.39 -8.52 0.83
CA GLN A 81 -5.70 -7.28 1.60
C GLN A 81 -5.75 -6.09 0.65
N SER A 82 -5.17 -6.20 -0.49
CA SER A 82 -5.21 -5.08 -1.48
C SER A 82 -5.82 -5.61 -2.78
N ASP A 83 -6.54 -6.69 -2.68
CA ASP A 83 -7.20 -7.29 -3.90
C ASP A 83 -7.79 -6.18 -4.75
N ASN A 84 -7.26 -5.99 -5.91
CA ASN A 84 -7.77 -4.91 -6.82
C ASN A 84 -7.65 -3.58 -6.14
N ILE A 85 -6.47 -3.17 -5.85
CA ILE A 85 -6.29 -1.86 -5.19
C ILE A 85 -5.00 -1.21 -5.68
N ILE A 86 -4.73 -0.04 -5.24
CA ILE A 86 -3.48 0.64 -5.66
C ILE A 86 -2.55 0.74 -4.47
N VAL A 87 -1.46 0.03 -4.53
CA VAL A 87 -0.52 0.01 -3.38
C VAL A 87 0.77 0.74 -3.78
N GLY A 88 1.65 0.90 -2.85
CA GLY A 88 2.94 1.60 -3.13
C GLY A 88 3.89 1.48 -1.94
N CYS A 89 5.08 1.97 -2.09
CA CYS A 89 6.05 1.88 -0.97
C CYS A 89 6.63 3.26 -0.70
N GLN A 90 6.45 3.74 0.49
CA GLN A 90 6.95 5.11 0.86
C GLN A 90 8.47 5.14 0.82
N SER A 91 9.08 4.09 1.26
CA SER A 91 10.57 4.02 1.29
C SER A 91 11.10 4.14 -0.14
N GLY A 92 12.34 4.48 -0.26
CA GLY A 92 12.96 4.64 -1.61
C GLY A 92 12.53 3.49 -2.51
N GLY A 93 12.67 3.66 -3.78
CA GLY A 93 12.28 2.59 -4.75
C GLY A 93 12.99 1.30 -4.38
N ARG A 94 14.13 1.40 -3.78
CA ARG A 94 14.89 0.18 -3.39
C ARG A 94 14.00 -0.71 -2.55
N SER A 95 13.07 -0.12 -1.85
CA SER A 95 12.17 -0.92 -0.98
C SER A 95 11.00 -1.44 -1.82
N ILE A 96 10.60 -0.70 -2.79
CA ILE A 96 9.46 -1.12 -3.65
C ILE A 96 9.82 -2.44 -4.32
N LYS A 97 11.07 -2.66 -4.59
CA LYS A 97 11.49 -3.95 -5.23
C LYS A 97 11.14 -5.10 -4.28
N ALA A 98 11.49 -4.97 -3.04
CA ALA A 98 11.20 -6.06 -2.06
C ALA A 98 9.69 -6.35 -2.07
N THR A 99 8.91 -5.33 -1.95
CA THR A 99 7.44 -5.50 -1.96
C THR A 99 7.02 -6.19 -3.26
N THR A 100 7.52 -5.70 -4.35
CA THR A 100 7.20 -6.29 -5.68
C THR A 100 7.58 -7.79 -5.66
N ASP A 101 8.75 -8.11 -5.21
CA ASP A 101 9.17 -9.55 -5.11
C ASP A 101 8.28 -10.24 -4.08
N LEU A 102 8.00 -9.56 -3.01
CA LEU A 102 7.16 -10.16 -1.95
C LEU A 102 5.74 -10.31 -2.47
N LEU A 103 5.28 -9.33 -3.18
CA LEU A 103 3.91 -9.40 -3.77
C LEU A 103 3.90 -10.46 -4.88
N HIS A 104 5.01 -10.67 -5.53
CA HIS A 104 5.07 -11.69 -6.62
C HIS A 104 4.80 -13.07 -6.01
N ALA A 105 5.21 -13.27 -4.80
CA ALA A 105 5.00 -14.59 -4.14
C ALA A 105 4.38 -14.36 -2.76
N GLY A 106 3.53 -13.38 -2.67
CA GLY A 106 2.87 -13.06 -1.36
C GLY A 106 1.50 -12.46 -1.62
N PHE A 107 1.47 -11.28 -2.16
CA PHE A 107 0.17 -10.61 -2.44
C PHE A 107 0.22 -9.93 -3.81
N THR A 108 -0.89 -9.71 -4.42
CA THR A 108 -0.91 -9.06 -5.75
C THR A 108 -2.31 -8.60 -6.11
N GLY A 109 -2.55 -8.34 -7.36
CA GLY A 109 -3.90 -7.89 -7.81
C GLY A 109 -4.04 -6.41 -7.51
N VAL A 110 -2.95 -5.74 -7.34
CA VAL A 110 -3.00 -4.29 -7.02
C VAL A 110 -1.88 -3.55 -7.74
N LYS A 111 -1.93 -2.26 -7.75
CA LYS A 111 -0.87 -1.49 -8.44
C LYS A 111 0.16 -1.03 -7.41
N ASP A 112 1.38 -0.91 -7.83
CA ASP A 112 2.47 -0.48 -6.90
C ASP A 112 2.95 0.89 -7.30
N ILE A 113 2.63 1.87 -6.53
CA ILE A 113 3.06 3.24 -6.87
C ILE A 113 4.48 3.48 -6.38
N VAL A 114 5.36 3.88 -7.24
CA VAL A 114 6.77 4.11 -6.83
C VAL A 114 7.01 5.61 -6.62
N GLY A 115 7.70 5.93 -5.59
CA GLY A 115 8.02 7.36 -5.30
C GLY A 115 8.59 7.48 -3.89
N GLY A 116 8.31 8.57 -3.26
CA GLY A 116 8.82 8.78 -1.87
C GLY A 116 7.90 9.75 -1.12
N TYR A 117 8.27 10.07 0.07
CA TYR A 117 7.48 11.01 0.92
C TYR A 117 7.34 12.34 0.22
N SER A 118 8.33 12.72 -0.52
CA SER A 118 8.29 14.02 -1.24
C SER A 118 7.06 14.07 -2.12
N ALA A 119 6.66 12.95 -2.63
CA ALA A 119 5.46 12.91 -3.49
C ALA A 119 4.26 13.37 -2.69
N TRP A 120 4.17 12.93 -1.46
CA TRP A 120 3.02 13.33 -0.59
C TRP A 120 3.07 14.85 -0.46
N ALA A 121 4.24 15.40 -0.46
CA ALA A 121 4.36 16.88 -0.36
C ALA A 121 3.58 17.52 -1.49
N LYS A 122 3.61 16.92 -2.64
CA LYS A 122 2.87 17.48 -3.81
C LYS A 122 1.40 17.62 -3.40
N ASN A 123 0.89 16.66 -2.68
CA ASN A 123 -0.53 16.75 -2.20
C ASN A 123 -0.66 17.95 -1.28
N GLY A 124 0.00 17.91 -0.17
CA GLY A 124 -0.06 19.04 0.80
C GLY A 124 -1.10 18.72 1.87
N LEU A 125 -1.48 17.49 1.98
CA LEU A 125 -2.50 17.11 3.00
C LEU A 125 -1.96 15.96 3.85
N PRO A 126 -1.01 16.25 4.71
CA PRO A 126 -0.39 15.22 5.57
C PRO A 126 -0.99 15.18 6.97
N THR A 127 -1.61 14.10 7.31
CA THR A 127 -2.19 14.00 8.66
C THR A 127 -1.65 12.76 9.34
N LYS A 128 -1.18 12.90 10.53
CA LYS A 128 -0.61 11.75 11.26
C LYS A 128 -0.15 12.21 12.63
N ALA A 129 -0.35 11.42 13.62
CA ALA A 129 0.04 11.80 14.99
C ALA A 129 -0.78 13.03 15.45
#